data_5VAO
#
_entry.id   5VAO
#
_cell.length_a   139.478
_cell.length_b   139.478
_cell.length_c   161.467
_cell.angle_alpha   90.000
_cell.angle_beta   90.000
_cell.angle_gamma   90.000
#
_symmetry.space_group_name_H-M   'I 41 2 2'
#
loop_
_entity.id
_entity.type
_entity.pdbx_description
1 polymer 'Minor nucleoprotein VP30'
2 polymer NP
3 non-polymer GLYCEROL
4 non-polymer 'CHLORIDE ION'
5 non-polymer DI(HYDROXYETHYL)ETHER
6 non-polymer 'CALCIUM ION'
7 water water
#
loop_
_entity_poly.entity_id
_entity_poly.type
_entity_poly.pdbx_seq_one_letter_code
_entity_poly.pdbx_strand_id
1 'polypeptide(L)'
;GPKITLLTLIKTAEHWARQDIRTIEDSKLRALLTLCAVMTRKFSKSQLSLLCETHLRREGLGQDQAEPVLEVYQRLHSDK
GGSFEAALWQQWDRQSLIMFITAFLNIALQLPCESSAVVVSGLRTLVPQ
;
A,B,C,D
2 'polypeptide(L)' PTVAPPAPVYR E,F,G,H
#
# COMPACT_ATOMS: atom_id res chain seq x y z
N PRO A 2 -13.84 -32.27 29.16
CA PRO A 2 -15.05 -31.44 29.03
C PRO A 2 -15.99 -31.89 27.91
N LYS A 3 -17.28 -31.68 28.10
CA LYS A 3 -18.30 -32.12 27.15
C LYS A 3 -18.34 -31.19 25.95
N ILE A 4 -18.37 -31.76 24.75
CA ILE A 4 -18.46 -30.98 23.52
C ILE A 4 -19.92 -30.62 23.22
N THR A 5 -20.44 -29.71 24.03
CA THR A 5 -21.75 -29.12 23.82
C THR A 5 -21.67 -28.10 22.69
N LEU A 6 -22.82 -27.61 22.26
CA LEU A 6 -22.88 -26.56 21.25
C LEU A 6 -22.17 -25.30 21.73
N LEU A 7 -22.38 -24.96 23.01
CA LEU A 7 -21.74 -23.79 23.61
C LEU A 7 -20.22 -23.95 23.65
N THR A 8 -19.74 -25.11 24.11
CA THR A 8 -18.31 -25.37 24.15
C THR A 8 -17.67 -25.31 22.77
N LEU A 9 -18.39 -25.82 21.78
CA LEU A 9 -17.96 -25.79 20.41
C LEU A 9 -17.78 -24.34 19.92
N ILE A 10 -18.73 -23.47 20.26
CA ILE A 10 -18.66 -22.06 19.88
C ILE A 10 -17.56 -21.30 20.62
N LYS A 11 -17.47 -21.52 21.93
CA LYS A 11 -16.38 -20.93 22.74
C LYS A 11 -15.00 -21.37 22.24
N THR A 12 -14.89 -22.63 21.86
CA THR A 12 -13.64 -23.14 21.30
C THR A 12 -13.31 -22.43 19.99
N ALA A 13 -14.32 -22.24 19.16
CA ALA A 13 -14.17 -21.48 17.91
C ALA A 13 -13.79 -20.02 18.15
N GLU A 14 -14.52 -19.36 19.06
CA GLU A 14 -14.17 -18.00 19.49
C GLU A 14 -12.69 -17.89 19.83
N HIS A 15 -12.25 -18.78 20.71
CA HIS A 15 -10.86 -18.80 21.18
C HIS A 15 -9.85 -18.94 20.04
N TRP A 16 -9.98 -19.98 19.23
CA TRP A 16 -9.02 -20.25 18.16
C TRP A 16 -9.08 -19.27 16.98
N ALA A 17 -10.24 -18.64 16.78
CA ALA A 17 -10.37 -17.53 15.84
C ALA A 17 -9.43 -16.38 16.15
N ARG A 18 -9.17 -16.12 17.43
CA ARG A 18 -8.29 -15.02 17.85
C ARG A 18 -6.80 -15.42 18.05
N GLN A 19 -6.40 -16.64 17.63
CA GLN A 19 -5.00 -17.08 17.75
C GLN A 19 -4.26 -17.02 16.42
N ASP A 20 -2.96 -16.81 16.51
CA ASP A 20 -2.06 -16.97 15.37
C ASP A 20 -1.68 -18.45 15.41
N ILE A 21 -2.18 -19.22 14.44
CA ILE A 21 -1.98 -20.67 14.44
C ILE A 21 -0.85 -21.15 13.54
N ARG A 22 0.02 -20.25 13.11
CA ARG A 22 1.09 -20.62 12.18
C ARG A 22 2.20 -21.44 12.83
N THR A 23 2.35 -21.30 14.15
CA THR A 23 3.39 -22.04 14.88
C THR A 23 2.87 -23.24 15.70
N ILE A 24 1.56 -23.51 15.70
CA ILE A 24 1.00 -24.61 16.51
C ILE A 24 1.43 -25.98 15.97
N GLU A 25 1.46 -26.97 16.86
CA GLU A 25 1.83 -28.34 16.47
C GLU A 25 0.78 -28.96 15.54
N ASP A 26 1.21 -29.91 14.72
CA ASP A 26 0.32 -30.56 13.74
C ASP A 26 -0.90 -31.23 14.38
N SER A 27 -0.75 -31.77 15.58
CA SER A 27 -1.84 -32.46 16.25
C SER A 27 -3.00 -31.52 16.53
N LYS A 28 -2.69 -30.30 16.95
CA LYS A 28 -3.71 -29.27 17.20
C LYS A 28 -4.27 -28.69 15.89
N LEU A 29 -3.41 -28.52 14.89
CA LEU A 29 -3.86 -28.11 13.55
C LEU A 29 -4.85 -29.13 12.94
N ARG A 30 -4.56 -30.42 13.12
CA ARG A 30 -5.45 -31.49 12.69
C ARG A 30 -6.81 -31.40 13.40
N ALA A 31 -6.78 -31.10 14.70
CA ALA A 31 -8.02 -30.96 15.46
C ALA A 31 -8.82 -29.74 15.01
N LEU A 32 -8.12 -28.66 14.65
CA LEU A 32 -8.78 -27.47 14.11
C LEU A 32 -9.48 -27.71 12.79
N LEU A 33 -8.92 -28.58 11.95
CA LEU A 33 -9.62 -29.02 10.75
C LEU A 33 -10.97 -29.67 11.09
N THR A 34 -10.97 -30.54 12.12
CA THR A 34 -12.21 -31.15 12.60
C THR A 34 -13.19 -30.12 13.12
N LEU A 35 -12.68 -29.15 13.87
CA LEU A 35 -13.52 -28.05 14.34
C LEU A 35 -14.21 -27.33 13.19
N CYS A 36 -13.45 -26.98 12.15
CA CYS A 36 -14.02 -26.34 10.96
C CYS A 36 -15.07 -27.24 10.29
N ALA A 37 -14.81 -28.54 10.21
CA ALA A 37 -15.73 -29.49 9.61
C ALA A 37 -17.04 -29.59 10.40
N VAL A 38 -16.91 -29.75 11.71
CA VAL A 38 -18.08 -29.82 12.59
C VAL A 38 -18.88 -28.51 12.51
N MET A 39 -18.18 -27.39 12.57
CA MET A 39 -18.79 -26.07 12.52
C MET A 39 -19.49 -25.78 11.19
N THR A 40 -18.87 -26.20 10.09
CA THR A 40 -19.51 -26.11 8.77
C THR A 40 -20.85 -26.81 8.75
N ARG A 41 -20.93 -27.97 9.40
CA ARG A 41 -22.18 -28.74 9.48
C ARG A 41 -23.27 -28.13 10.37
N LYS A 42 -22.95 -27.07 11.12
CA LYS A 42 -23.95 -26.31 11.88
C LYS A 42 -24.59 -25.17 11.08
N PHE A 43 -24.18 -25.01 9.81
CA PHE A 43 -24.83 -24.10 8.88
C PHE A 43 -25.81 -24.87 8.02
N SER A 44 -26.95 -24.26 7.74
CA SER A 44 -27.86 -24.82 6.74
C SER A 44 -27.15 -24.87 5.39
N LYS A 45 -27.55 -25.81 4.54
CA LYS A 45 -26.95 -26.01 3.22
C LYS A 45 -27.00 -24.72 2.39
N SER A 46 -28.10 -23.96 2.56
CA SER A 46 -28.31 -22.69 1.86
C SER A 46 -27.24 -21.63 2.14
N GLN A 47 -26.60 -21.71 3.30
CA GLN A 47 -25.61 -20.69 3.70
C GLN A 47 -24.20 -20.96 3.19
N LEU A 48 -23.96 -22.11 2.53
CA LEU A 48 -22.62 -22.46 2.09
C LEU A 48 -22.08 -21.56 0.98
N SER A 49 -22.94 -21.10 0.08
CA SER A 49 -22.52 -20.15 -0.97
C SER A 49 -22.11 -18.81 -0.36
N LEU A 50 -22.86 -18.35 0.64
CA LEU A 50 -22.52 -17.12 1.37
C LEU A 50 -21.21 -17.27 2.16
N LEU A 51 -21.01 -18.46 2.71
CA LEU A 51 -19.76 -18.81 3.37
C LEU A 51 -18.58 -18.71 2.38
N CYS A 52 -18.75 -19.31 1.21
CA CYS A 52 -17.77 -19.25 0.12
C CYS A 52 -17.49 -17.82 -0.34
N GLU A 53 -18.56 -17.07 -0.63
CA GLU A 53 -18.44 -15.69 -1.09
C GLU A 53 -17.69 -14.81 -0.08
N THR A 54 -18.02 -14.94 1.21
CA THR A 54 -17.34 -14.22 2.27
C THR A 54 -15.88 -14.63 2.42
N HIS A 55 -15.59 -15.93 2.24
CA HIS A 55 -14.23 -16.45 2.30
C HIS A 55 -13.39 -15.78 1.20
N LEU A 56 -13.92 -15.76 -0.01
CA LEU A 56 -13.24 -15.15 -1.15
C LEU A 56 -12.99 -13.66 -0.93
N ARG A 57 -14.02 -12.95 -0.51
N ARG A 57 -14.02 -12.95 -0.51
CA ARG A 57 -13.94 -11.50 -0.31
CA ARG A 57 -13.93 -11.51 -0.30
C ARG A 57 -12.88 -11.16 0.74
C ARG A 57 -12.88 -11.16 0.74
N ARG A 58 -12.96 -11.79 1.90
CA ARG A 58 -12.01 -11.51 2.99
C ARG A 58 -10.58 -11.91 2.69
N GLU A 59 -10.39 -13.02 1.99
CA GLU A 59 -9.03 -13.49 1.65
C GLU A 59 -8.42 -12.84 0.41
N GLY A 60 -9.22 -12.06 -0.32
CA GLY A 60 -8.75 -11.39 -1.52
C GLY A 60 -8.54 -12.31 -2.69
N LEU A 61 -9.40 -13.32 -2.80
CA LEU A 61 -9.29 -14.33 -3.84
C LEU A 61 -10.21 -13.95 -5.01
N GLY A 62 -9.79 -14.30 -6.22
CA GLY A 62 -10.59 -14.02 -7.42
C GLY A 62 -11.78 -14.96 -7.55
N GLN A 63 -12.74 -14.58 -8.40
CA GLN A 63 -13.92 -15.41 -8.65
C GLN A 63 -13.59 -16.80 -9.20
N ASP A 64 -12.47 -16.92 -9.89
CA ASP A 64 -12.00 -18.23 -10.37
C ASP A 64 -11.70 -19.26 -9.24
N GLN A 65 -11.51 -18.78 -8.01
CA GLN A 65 -11.34 -19.65 -6.84
C GLN A 65 -12.65 -20.07 -6.15
N ALA A 66 -13.81 -19.58 -6.63
CA ALA A 66 -15.10 -19.92 -6.01
C ALA A 66 -15.43 -21.41 -6.09
N GLU A 67 -15.12 -22.04 -7.22
CA GLU A 67 -15.43 -23.46 -7.40
C GLU A 67 -14.72 -24.35 -6.36
N PRO A 68 -13.39 -24.26 -6.24
CA PRO A 68 -12.71 -25.10 -5.23
C PRO A 68 -13.06 -24.77 -3.78
N VAL A 69 -13.29 -23.49 -3.48
CA VAL A 69 -13.63 -23.06 -2.12
C VAL A 69 -15.02 -23.56 -1.73
N LEU A 70 -16.01 -23.34 -2.59
CA LEU A 70 -17.36 -23.86 -2.36
C LEU A 70 -17.35 -25.39 -2.24
N GLU A 71 -16.55 -26.05 -3.09
CA GLU A 71 -16.43 -27.51 -3.05
C GLU A 71 -15.93 -28.00 -1.70
N VAL A 72 -14.93 -27.32 -1.13
CA VAL A 72 -14.43 -27.64 0.20
C VAL A 72 -15.58 -27.56 1.22
N TYR A 73 -16.32 -26.46 1.20
CA TYR A 73 -17.41 -26.28 2.16
C TYR A 73 -18.53 -27.30 1.98
N GLN A 74 -18.93 -27.52 0.73
CA GLN A 74 -19.97 -28.52 0.40
C GLN A 74 -19.58 -29.92 0.86
N ARG A 75 -18.34 -30.32 0.58
CA ARG A 75 -17.88 -31.69 0.86
C ARG A 75 -17.55 -31.93 2.33
N LEU A 76 -17.22 -30.86 3.07
CA LEU A 76 -17.18 -30.93 4.53
C LEU A 76 -18.57 -31.04 5.14
N HIS A 77 -19.53 -30.31 4.57
CA HIS A 77 -20.92 -30.30 5.05
C HIS A 77 -21.59 -31.69 4.93
N SER A 78 -21.26 -32.42 3.87
CA SER A 78 -21.80 -33.76 3.62
C SER A 78 -20.84 -34.89 3.98
N ASP A 79 -19.74 -34.56 4.66
CA ASP A 79 -18.68 -35.54 4.95
C ASP A 79 -19.20 -36.63 5.89
N LYS A 80 -18.89 -37.88 5.55
CA LYS A 80 -19.25 -39.04 6.36
C LYS A 80 -17.96 -39.71 6.82
N GLY A 81 -17.83 -39.92 8.13
CA GLY A 81 -16.67 -40.57 8.70
C GLY A 81 -15.35 -39.83 8.54
N GLY A 82 -15.40 -38.53 8.29
CA GLY A 82 -14.19 -37.71 8.11
C GLY A 82 -13.33 -38.04 6.91
N SER A 83 -13.93 -38.61 5.88
CA SER A 83 -13.21 -39.06 4.68
C SER A 83 -12.60 -37.89 3.91
N PHE A 84 -13.44 -36.91 3.59
CA PHE A 84 -13.01 -35.70 2.88
C PHE A 84 -12.05 -34.86 3.73
N GLU A 85 -12.38 -34.75 5.01
CA GLU A 85 -11.53 -34.08 5.98
C GLU A 85 -10.10 -34.67 5.98
N ALA A 86 -10.02 -36.00 6.00
CA ALA A 86 -8.72 -36.70 5.95
C ALA A 86 -7.97 -36.44 4.63
N ALA A 87 -8.72 -36.37 3.53
CA ALA A 87 -8.16 -36.07 2.23
C ALA A 87 -7.54 -34.67 2.20
N LEU A 88 -8.22 -33.68 2.78
CA LEU A 88 -7.66 -32.33 2.88
C LEU A 88 -6.35 -32.33 3.63
N TRP A 89 -6.33 -33.02 4.77
CA TRP A 89 -5.12 -33.11 5.58
C TRP A 89 -3.95 -33.76 4.82
N GLN A 90 -4.24 -34.85 4.11
CA GLN A 90 -3.23 -35.60 3.37
C GLN A 90 -2.68 -34.82 2.17
N GLN A 91 -3.57 -34.14 1.45
CA GLN A 91 -3.27 -33.62 0.11
C GLN A 91 -2.94 -32.12 0.01
N TRP A 92 -3.31 -31.33 1.02
CA TRP A 92 -2.96 -29.90 1.07
C TRP A 92 -1.68 -29.70 1.88
N ASP A 93 -0.93 -28.67 1.51
CA ASP A 93 0.24 -28.27 2.31
C ASP A 93 -0.22 -27.51 3.56
N ARG A 94 0.65 -27.46 4.55
CA ARG A 94 0.36 -26.86 5.85
C ARG A 94 -0.07 -25.38 5.76
N GLN A 95 0.56 -24.62 4.86
CA GLN A 95 0.23 -23.20 4.70
C GLN A 95 -1.21 -23.00 4.19
N SER A 96 -1.63 -23.83 3.24
CA SER A 96 -3.02 -23.78 2.74
C SER A 96 -4.05 -24.11 3.83
N LEU A 97 -3.77 -25.14 4.62
CA LEU A 97 -4.66 -25.55 5.70
C LEU A 97 -4.81 -24.46 6.74
N ILE A 98 -3.68 -23.88 7.15
CA ILE A 98 -3.66 -22.78 8.12
C ILE A 98 -4.50 -21.60 7.66
N MET A 99 -4.34 -21.21 6.41
CA MET A 99 -5.01 -20.04 5.87
C MET A 99 -6.50 -20.27 5.72
N PHE A 100 -6.89 -21.49 5.33
CA PHE A 100 -8.31 -21.84 5.18
C PHE A 100 -8.99 -21.90 6.53
N ILE A 101 -8.35 -22.59 7.46
CA ILE A 101 -8.87 -22.73 8.84
C ILE A 101 -9.06 -21.37 9.51
N THR A 102 -8.05 -20.51 9.45
CA THR A 102 -8.14 -19.20 10.11
C THR A 102 -9.21 -18.36 9.45
N ALA A 103 -9.28 -18.42 8.14
CA ALA A 103 -10.32 -17.70 7.37
C ALA A 103 -11.71 -18.14 7.81
N PHE A 104 -11.91 -19.45 7.87
CA PHE A 104 -13.22 -19.98 8.26
C PHE A 104 -13.61 -19.57 9.69
N LEU A 105 -12.70 -19.76 10.64
CA LEU A 105 -13.00 -19.47 12.04
C LEU A 105 -13.38 -18.01 12.27
N ASN A 106 -12.77 -17.11 11.50
CA ASN A 106 -13.06 -15.69 11.59
C ASN A 106 -14.34 -15.25 10.89
N ILE A 107 -14.77 -15.97 9.85
CA ILE A 107 -16.06 -15.68 9.20
C ILE A 107 -17.24 -16.42 9.84
N ALA A 108 -17.02 -17.63 10.32
CA ALA A 108 -18.09 -18.50 10.83
C ALA A 108 -18.92 -17.93 11.98
N LEU A 109 -18.27 -17.20 12.87
CA LEU A 109 -18.94 -16.63 14.04
C LEU A 109 -19.72 -15.37 13.71
N GLN A 110 -19.53 -14.80 12.52
CA GLN A 110 -20.24 -13.59 12.08
C GLN A 110 -21.35 -13.82 11.05
N LEU A 111 -21.36 -14.98 10.40
CA LEU A 111 -22.42 -15.30 9.42
C LEU A 111 -23.60 -15.95 10.12
N PRO A 112 -24.83 -15.65 9.68
CA PRO A 112 -25.97 -16.41 10.19
C PRO A 112 -25.89 -17.88 9.80
N CYS A 113 -26.36 -18.75 10.66
CA CYS A 113 -26.36 -20.20 10.42
C CYS A 113 -27.62 -20.71 9.72
N GLU A 114 -28.63 -19.85 9.59
CA GLU A 114 -29.87 -20.15 8.84
C GLU A 114 -30.14 -18.96 7.93
N SER A 115 -30.87 -19.21 6.82
CA SER A 115 -31.19 -18.12 5.87
C SER A 115 -32.64 -17.62 5.82
N SER A 116 -33.60 -18.40 6.29
CA SER A 116 -35.00 -17.98 6.22
C SER A 116 -35.23 -16.71 7.06
N ALA A 117 -35.75 -15.67 6.40
CA ALA A 117 -36.27 -14.48 7.04
C ALA A 117 -37.24 -14.76 8.19
N VAL A 118 -38.10 -15.76 8.04
CA VAL A 118 -39.04 -16.16 9.07
C VAL A 118 -38.31 -16.65 10.35
N VAL A 119 -37.22 -17.40 10.16
CA VAL A 119 -36.39 -17.89 11.26
C VAL A 119 -35.64 -16.72 11.89
N VAL A 120 -34.97 -15.93 11.05
CA VAL A 120 -34.15 -14.83 11.54
C VAL A 120 -35.00 -13.77 12.28
N SER A 121 -36.11 -13.35 11.68
CA SER A 121 -36.98 -12.33 12.27
C SER A 121 -37.55 -12.76 13.64
N GLY A 122 -38.00 -14.02 13.71
CA GLY A 122 -38.54 -14.58 14.94
C GLY A 122 -37.50 -14.66 16.06
N LEU A 123 -36.30 -15.15 15.71
CA LEU A 123 -35.24 -15.29 16.71
C LEU A 123 -34.71 -13.97 17.22
N ARG A 124 -34.77 -12.92 16.40
CA ARG A 124 -34.35 -11.57 16.83
C ARG A 124 -35.20 -11.00 17.95
N THR A 125 -36.49 -11.36 17.97
CA THR A 125 -37.38 -10.89 19.05
C THR A 125 -37.00 -11.49 20.41
N LEU A 126 -36.29 -12.62 20.39
CA LEU A 126 -35.84 -13.30 21.60
C LEU A 126 -34.47 -12.89 22.12
N VAL A 127 -33.66 -12.22 21.30
CA VAL A 127 -32.29 -11.88 21.71
C VAL A 127 -32.32 -10.82 22.83
N PRO A 128 -31.60 -11.04 23.96
CA PRO A 128 -31.49 -9.94 24.95
C PRO A 128 -30.54 -8.83 24.48
N GLY B 1 12.23 45.02 -11.07
CA GLY B 1 12.02 43.73 -10.34
C GLY B 1 13.25 43.24 -9.59
N PRO B 2 13.15 42.07 -8.93
CA PRO B 2 14.30 41.48 -8.21
C PRO B 2 15.38 40.92 -9.14
N LYS B 3 16.63 40.94 -8.69
CA LYS B 3 17.76 40.47 -9.50
C LYS B 3 17.81 38.95 -9.46
N ILE B 4 17.94 38.32 -10.62
CA ILE B 4 18.01 36.86 -10.69
C ILE B 4 19.46 36.40 -10.45
N THR B 5 19.87 36.52 -9.19
CA THR B 5 21.15 36.01 -8.73
C THR B 5 21.05 34.50 -8.58
N LEU B 6 22.19 33.85 -8.35
CA LEU B 6 22.22 32.42 -8.11
C LEU B 6 21.41 32.06 -6.87
N LEU B 7 21.54 32.88 -5.82
CA LEU B 7 20.79 32.67 -4.58
C LEU B 7 19.29 32.82 -4.81
N THR B 8 18.88 33.87 -5.50
CA THR B 8 17.45 34.09 -5.81
C THR B 8 16.87 32.93 -6.64
N LEU B 9 17.67 32.45 -7.57
CA LEU B 9 17.30 31.31 -8.39
C LEU B 9 17.04 30.07 -7.53
N ILE B 10 17.91 29.83 -6.55
CA ILE B 10 17.78 28.69 -5.64
C ILE B 10 16.59 28.86 -4.68
N LYS B 11 16.44 30.04 -4.11
CA LYS B 11 15.29 30.35 -3.25
C LYS B 11 13.98 30.20 -4.01
N THR B 12 13.96 30.63 -5.26
CA THR B 12 12.77 30.46 -6.11
C THR B 12 12.48 28.97 -6.32
N ALA B 13 13.52 28.20 -6.56
CA ALA B 13 13.39 26.75 -6.69
C ALA B 13 12.92 26.08 -5.40
N GLU B 14 13.54 26.46 -4.27
CA GLU B 14 13.09 26.01 -2.93
C GLU B 14 11.59 26.21 -2.78
N HIS B 15 11.14 27.44 -3.04
CA HIS B 15 9.74 27.80 -2.91
C HIS B 15 8.81 26.95 -3.77
N TRP B 16 9.06 26.89 -5.06
CA TRP B 16 8.18 26.16 -5.99
C TRP B 16 8.26 24.63 -5.87
N ALA B 17 9.39 24.13 -5.36
CA ALA B 17 9.52 22.72 -5.01
C ALA B 17 8.48 22.29 -3.95
N ARG B 18 8.14 23.18 -3.03
CA ARG B 18 7.17 22.89 -1.97
C ARG B 18 5.70 23.26 -2.32
N GLN B 19 5.40 23.62 -3.57
CA GLN B 19 4.02 23.94 -3.99
C GLN B 19 3.38 22.80 -4.76
N ASP B 20 2.05 22.74 -4.66
CA ASP B 20 1.25 21.88 -5.52
C ASP B 20 0.97 22.72 -6.75
N ILE B 21 1.58 22.37 -7.88
CA ILE B 21 1.48 23.18 -9.10
C ILE B 21 0.45 22.66 -10.10
N ARG B 22 -0.42 21.75 -9.67
CA ARG B 22 -1.38 21.15 -10.59
C ARG B 22 -2.50 22.10 -10.99
N THR B 23 -2.78 23.09 -10.15
CA THR B 23 -3.83 24.06 -10.43
C THR B 23 -3.35 25.44 -10.91
N ILE B 24 -2.02 25.65 -11.02
CA ILE B 24 -1.50 26.97 -11.41
C ILE B 24 -1.81 27.31 -12.87
N GLU B 25 -1.88 28.60 -13.17
CA GLU B 25 -2.14 29.06 -14.54
C GLU B 25 -0.98 28.71 -15.48
N ASP B 26 -1.29 28.57 -16.77
CA ASP B 26 -0.30 28.24 -17.79
C ASP B 26 0.91 29.18 -17.83
N SER B 27 0.68 30.45 -17.58
CA SER B 27 1.75 31.45 -17.67
C SER B 27 2.84 31.17 -16.63
N LYS B 28 2.42 30.78 -15.42
CA LYS B 28 3.37 30.42 -14.36
C LYS B 28 4.00 29.04 -14.61
N LEU B 29 3.21 28.10 -15.12
CA LEU B 29 3.73 26.79 -15.51
C LEU B 29 4.82 26.92 -16.60
N ARG B 30 4.58 27.79 -17.57
CA ARG B 30 5.56 28.09 -18.61
C ARG B 30 6.85 28.66 -18.02
N ALA B 31 6.71 29.55 -17.03
CA ALA B 31 7.88 30.12 -16.38
C ALA B 31 8.66 29.07 -15.58
N LEU B 32 7.94 28.13 -14.97
CA LEU B 32 8.57 27.03 -14.24
C LEU B 32 9.37 26.10 -15.14
N LEU B 33 8.91 25.91 -16.38
CA LEU B 33 9.72 25.20 -17.37
C LEU B 33 11.06 25.89 -17.59
N THR B 34 11.03 27.22 -17.72
CA THR B 34 12.25 28.03 -17.86
C THR B 34 13.15 27.89 -16.63
N LEU B 35 12.55 27.93 -15.45
CA LEU B 35 13.30 27.72 -14.21
C LEU B 35 14.04 26.39 -14.23
N CYS B 36 13.35 25.32 -14.60
CA CYS B 36 13.98 23.99 -14.72
C CYS B 36 15.12 23.99 -15.75
N ALA B 37 14.90 24.67 -16.89
CA ALA B 37 15.90 24.75 -17.94
C ALA B 37 17.15 25.50 -17.49
N VAL B 38 16.94 26.66 -16.88
CA VAL B 38 18.05 27.46 -16.35
C VAL B 38 18.80 26.67 -15.27
N MET B 39 18.05 26.05 -14.38
CA MET B 39 18.60 25.28 -13.27
C MET B 39 19.38 24.05 -13.75
N THR B 40 18.86 23.36 -14.75
CA THR B 40 19.58 22.26 -15.40
C THR B 40 20.95 22.69 -15.89
N ARG B 41 21.03 23.90 -16.46
CA ARG B 41 22.29 24.45 -16.94
C ARG B 41 23.28 24.87 -15.86
N LYS B 42 22.89 24.84 -14.59
CA LYS B 42 23.80 25.05 -13.46
C LYS B 42 24.46 23.75 -12.96
N PHE B 43 24.12 22.63 -13.58
CA PHE B 43 24.80 21.34 -13.35
C PHE B 43 25.85 21.15 -14.42
N SER B 44 27.00 20.58 -14.04
CA SER B 44 27.97 20.11 -15.03
C SER B 44 27.32 19.02 -15.90
N LYS B 45 27.79 18.89 -17.12
CA LYS B 45 27.25 17.92 -18.09
C LYS B 45 27.31 16.49 -17.51
N SER B 46 28.38 16.22 -16.76
CA SER B 46 28.62 14.93 -16.11
C SER B 46 27.54 14.53 -15.11
N GLN B 47 26.84 15.49 -14.53
CA GLN B 47 25.78 15.23 -13.56
C GLN B 47 24.43 14.90 -14.10
N LEU B 48 24.26 14.99 -15.42
CA LEU B 48 22.95 14.78 -16.03
C LEU B 48 22.48 13.33 -15.92
N SER B 49 23.39 12.34 -15.99
CA SER B 49 23.03 10.94 -15.81
C SER B 49 22.53 10.68 -14.39
N LEU B 50 23.21 11.27 -13.41
CA LEU B 50 22.79 11.17 -12.00
C LEU B 50 21.44 11.86 -11.76
N LEU B 51 21.24 12.97 -12.45
CA LEU B 51 19.96 13.67 -12.42
C LEU B 51 18.84 12.76 -12.97
N CYS B 52 19.11 12.14 -14.11
CA CYS B 52 18.19 11.17 -14.73
C CYS B 52 17.91 9.97 -13.84
N GLU B 53 18.96 9.35 -13.32
CA GLU B 53 18.84 8.18 -12.42
C GLU B 53 17.99 8.51 -11.18
N THR B 54 18.25 9.65 -10.56
CA THR B 54 17.48 10.11 -9.40
C THR B 54 16.02 10.43 -9.75
N HIS B 55 15.79 10.99 -10.93
CA HIS B 55 14.43 11.27 -11.43
C HIS B 55 13.66 9.97 -11.54
N LEU B 56 14.27 8.97 -12.16
CA LEU B 56 13.67 7.65 -12.33
C LEU B 56 13.33 7.00 -10.99
N ARG B 57 14.32 6.98 -10.10
CA ARG B 57 14.17 6.35 -8.79
C ARG B 57 13.02 6.99 -8.00
N ARG B 58 13.05 8.32 -7.87
N ARG B 58 13.05 8.32 -7.87
CA ARG B 58 12.03 9.03 -7.10
CA ARG B 58 12.03 9.04 -7.09
C ARG B 58 10.63 8.95 -7.69
C ARG B 58 10.63 8.95 -7.68
N GLU B 59 10.52 8.98 -9.01
CA GLU B 59 9.21 8.90 -9.68
C GLU B 59 8.67 7.50 -9.85
N GLY B 60 9.49 6.48 -9.59
CA GLY B 60 9.08 5.09 -9.73
C GLY B 60 8.98 4.65 -11.16
N LEU B 61 9.87 5.16 -12.01
CA LEU B 61 9.87 4.87 -13.44
C LEU B 61 10.83 3.72 -13.72
N GLY B 62 10.51 2.91 -14.73
CA GLY B 62 11.38 1.81 -15.12
C GLY B 62 12.62 2.26 -15.88
N GLN B 63 13.60 1.37 -15.99
CA GLN B 63 14.83 1.68 -16.73
C GLN B 63 14.59 2.01 -18.20
N ASP B 64 13.53 1.48 -18.78
CA ASP B 64 13.15 1.80 -20.16
C ASP B 64 12.82 3.29 -20.38
N GLN B 65 12.52 4.03 -19.31
CA GLN B 65 12.32 5.48 -19.39
C GLN B 65 13.59 6.34 -19.26
N ALA B 66 14.75 5.71 -19.04
CA ALA B 66 16.01 6.45 -18.91
C ALA B 66 16.40 7.24 -20.16
N GLU B 67 16.19 6.65 -21.34
CA GLU B 67 16.56 7.30 -22.60
C GLU B 67 15.83 8.64 -22.79
N PRO B 68 14.47 8.64 -22.73
CA PRO B 68 13.76 9.92 -22.91
C PRO B 68 14.01 10.96 -21.80
N VAL B 69 14.18 10.49 -20.56
CA VAL B 69 14.40 11.39 -19.43
C VAL B 69 15.78 12.04 -19.52
N LEU B 70 16.81 11.23 -19.76
CA LEU B 70 18.15 11.77 -19.97
C LEU B 70 18.19 12.73 -21.17
N GLU B 71 17.49 12.37 -22.24
CA GLU B 71 17.42 13.22 -23.43
C GLU B 71 16.85 14.60 -23.12
N VAL B 72 15.80 14.65 -22.31
CA VAL B 72 15.22 15.92 -21.89
C VAL B 72 16.28 16.76 -21.16
N TYR B 73 16.98 16.15 -20.21
CA TYR B 73 17.98 16.89 -19.44
C TYR B 73 19.16 17.34 -20.31
N GLN B 74 19.65 16.45 -21.16
CA GLN B 74 20.73 16.79 -22.10
C GLN B 74 20.38 17.94 -23.02
N ARG B 75 19.20 17.88 -23.60
CA ARG B 75 18.77 18.87 -24.61
C ARG B 75 18.35 20.21 -24.00
N LEU B 76 17.93 20.21 -22.74
CA LEU B 76 17.78 21.46 -21.98
C LEU B 76 19.14 22.07 -21.63
N HIS B 77 20.09 21.22 -21.27
CA HIS B 77 21.44 21.66 -20.91
C HIS B 77 22.17 22.38 -22.06
N SER B 78 21.96 21.89 -23.28
CA SER B 78 22.58 22.45 -24.48
C SER B 78 21.63 23.35 -25.28
N ASP B 79 20.48 23.70 -24.72
CA ASP B 79 19.47 24.46 -25.43
C ASP B 79 19.97 25.88 -25.73
N LYS B 80 19.76 26.32 -26.96
CA LYS B 80 20.13 27.65 -27.41
C LYS B 80 18.83 28.36 -27.82
N GLY B 81 18.63 29.56 -27.29
CA GLY B 81 17.44 30.35 -27.63
C GLY B 81 16.11 29.75 -27.21
N GLY B 82 16.11 28.81 -26.26
CA GLY B 82 14.89 28.18 -25.77
C GLY B 82 14.13 27.33 -26.77
N SER B 83 14.82 26.83 -27.79
CA SER B 83 14.20 26.07 -28.88
C SER B 83 13.60 24.75 -28.39
N PHE B 84 14.41 23.95 -27.71
CA PHE B 84 13.96 22.69 -27.13
C PHE B 84 12.93 22.89 -26.03
N GLU B 85 13.16 23.88 -25.20
CA GLU B 85 12.22 24.27 -24.15
C GLU B 85 10.83 24.58 -24.74
N ALA B 86 10.80 25.34 -25.84
CA ALA B 86 9.55 25.65 -26.53
C ALA B 86 8.88 24.41 -27.11
N ALA B 87 9.69 23.49 -27.62
CA ALA B 87 9.20 22.22 -28.14
C ALA B 87 8.55 21.38 -27.07
N LEU B 88 9.15 21.31 -25.87
CA LEU B 88 8.52 20.61 -24.73
C LEU B 88 7.15 21.19 -24.42
N TRP B 89 7.08 22.51 -24.34
CA TRP B 89 5.83 23.20 -24.06
C TRP B 89 4.75 22.90 -25.11
N GLN B 90 5.13 22.95 -26.37
CA GLN B 90 4.20 22.72 -27.49
C GLN B 90 3.72 21.28 -27.58
N GLN B 91 4.63 20.33 -27.36
CA GLN B 91 4.43 18.92 -27.75
C GLN B 91 4.08 17.98 -26.59
N TRP B 92 4.34 18.35 -25.34
CA TRP B 92 3.92 17.57 -24.18
C TRP B 92 2.59 18.05 -23.65
N ASP B 93 1.82 17.13 -23.07
CA ASP B 93 0.60 17.51 -22.37
C ASP B 93 0.93 18.11 -21.01
N ARG B 94 -0.02 18.86 -20.47
CA ARG B 94 0.14 19.59 -19.22
C ARG B 94 0.51 18.67 -18.03
N GLN B 95 -0.08 17.48 -17.96
CA GLN B 95 0.17 16.54 -16.87
C GLN B 95 1.63 16.07 -16.88
N SER B 96 2.17 15.78 -18.07
CA SER B 96 3.58 15.39 -18.19
C SER B 96 4.54 16.50 -17.76
N LEU B 97 4.26 17.73 -18.19
CA LEU B 97 5.09 18.88 -17.84
C LEU B 97 5.10 19.10 -16.34
N ILE B 98 3.92 19.08 -15.72
CA ILE B 98 3.77 19.25 -14.27
C ILE B 98 4.59 18.22 -13.48
N MET B 99 4.49 16.97 -13.90
CA MET B 99 5.16 15.89 -13.18
C MET B 99 6.66 15.95 -13.33
N PHE B 100 7.14 16.33 -14.53
CA PHE B 100 8.57 16.46 -14.78
C PHE B 100 9.16 17.63 -14.01
N ILE B 101 8.48 18.77 -14.10
CA ILE B 101 8.90 19.99 -13.40
C ILE B 101 8.99 19.77 -11.89
N THR B 102 7.93 19.20 -11.30
CA THR B 102 7.90 19.00 -9.84
C THR B 102 8.99 18.01 -9.43
N ALA B 103 9.16 16.96 -10.21
CA ALA B 103 10.21 15.97 -9.97
C ALA B 103 11.58 16.61 -9.98
N PHE B 104 11.86 17.42 -11.00
CA PHE B 104 13.15 18.09 -11.09
C PHE B 104 13.40 19.04 -9.92
N LEU B 105 12.44 19.88 -9.61
CA LEU B 105 12.61 20.88 -8.55
C LEU B 105 12.91 20.24 -7.19
N ASN B 106 12.31 19.08 -6.94
CA ASN B 106 12.52 18.35 -5.70
C ASN B 106 13.85 17.58 -5.63
N ILE B 107 14.39 17.17 -6.77
CA ILE B 107 15.71 16.53 -6.80
C ILE B 107 16.88 17.53 -6.93
N ALA B 108 16.66 18.60 -7.68
CA ALA B 108 17.74 19.54 -8.06
C ALA B 108 18.47 20.20 -6.89
N LEU B 109 17.73 20.50 -5.84
CA LEU B 109 18.31 21.17 -4.67
C LEU B 109 19.11 20.23 -3.77
N GLN B 110 18.99 18.92 -3.99
CA GLN B 110 19.69 17.91 -3.17
C GLN B 110 20.86 17.24 -3.89
N LEU B 111 20.95 17.36 -5.22
CA LEU B 111 22.05 16.78 -5.97
C LEU B 111 23.24 17.72 -6.04
N PRO B 112 24.46 17.18 -6.00
CA PRO B 112 25.62 18.02 -6.28
C PRO B 112 25.62 18.54 -7.70
N CYS B 113 26.12 19.77 -7.89
CA CYS B 113 26.18 20.39 -9.21
C CYS B 113 27.47 20.08 -9.98
N GLU B 114 28.45 19.47 -9.32
CA GLU B 114 29.70 18.99 -9.94
C GLU B 114 29.95 17.55 -9.50
N SER B 115 30.62 16.78 -10.34
CA SER B 115 30.94 15.37 -10.04
C SER B 115 32.43 15.06 -9.99
N SER B 116 33.24 15.79 -10.76
CA SER B 116 34.66 15.49 -10.92
C SER B 116 35.39 15.47 -9.59
N ALA B 117 36.01 14.36 -9.24
CA ALA B 117 36.57 14.14 -7.89
C ALA B 117 37.58 15.22 -7.46
N VAL B 118 38.41 15.65 -8.40
CA VAL B 118 39.39 16.72 -8.13
C VAL B 118 38.70 18.05 -7.78
N VAL B 119 37.60 18.34 -8.48
CA VAL B 119 36.79 19.55 -8.23
C VAL B 119 36.08 19.41 -6.90
N VAL B 120 35.40 18.29 -6.69
CA VAL B 120 34.61 18.07 -5.47
C VAL B 120 35.52 18.02 -4.23
N SER B 121 36.61 17.28 -4.27
CA SER B 121 37.53 17.18 -3.13
C SER B 121 38.15 18.52 -2.74
N GLY B 122 38.55 19.31 -3.73
CA GLY B 122 39.08 20.65 -3.51
C GLY B 122 38.08 21.60 -2.89
N LEU B 123 36.86 21.61 -3.44
CA LEU B 123 35.79 22.49 -2.94
C LEU B 123 35.34 22.13 -1.54
N ARG B 124 35.42 20.85 -1.16
CA ARG B 124 35.08 20.40 0.21
C ARG B 124 35.99 20.99 1.27
N THR B 125 37.24 21.25 0.94
CA THR B 125 38.18 21.87 1.88
C THR B 125 37.79 23.31 2.20
N LEU B 126 37.03 23.94 1.31
CA LEU B 126 36.55 25.32 1.45
C LEU B 126 35.21 25.47 2.16
N VAL B 127 34.42 24.41 2.26
CA VAL B 127 33.07 24.49 2.84
C VAL B 127 33.19 24.78 4.34
N PRO B 128 32.57 25.89 4.81
CA PRO B 128 32.63 26.21 6.23
C PRO B 128 31.74 25.26 7.06
N GLN B 129 32.19 24.96 8.28
CA GLN B 129 31.55 23.91 9.11
C GLN B 129 30.90 24.56 10.30
N GLY C 1 -11.96 -8.76 18.61
CA GLY C 1 -10.63 -8.09 18.68
C GLY C 1 -10.61 -6.67 18.13
N PRO C 2 -9.46 -5.96 18.26
CA PRO C 2 -9.31 -4.61 17.72
C PRO C 2 -9.22 -4.57 16.19
N LYS C 3 -9.69 -3.47 15.59
CA LYS C 3 -9.66 -3.31 14.14
C LYS C 3 -8.27 -2.95 13.67
N ILE C 4 -7.75 -3.64 12.65
CA ILE C 4 -6.42 -3.36 12.13
C ILE C 4 -6.49 -2.21 11.11
N THR C 5 -6.72 -1.01 11.65
CA THR C 5 -6.69 0.21 10.86
C THR C 5 -5.23 0.59 10.59
N LEU C 6 -5.04 1.58 9.73
CA LEU C 6 -3.69 2.09 9.46
C LEU C 6 -3.06 2.65 10.73
N LEU C 7 -3.86 3.36 11.53
CA LEU C 7 -3.37 3.92 12.78
C LEU C 7 -2.98 2.82 13.77
N THR C 8 -3.83 1.81 13.93
CA THR C 8 -3.51 0.68 14.82
C THR C 8 -2.25 -0.05 14.39
N LEU C 9 -2.09 -0.19 13.08
CA LEU C 9 -0.91 -0.80 12.50
C LEU C 9 0.36 -0.02 12.89
N ILE C 10 0.29 1.31 12.81
CA ILE C 10 1.40 2.18 13.18
C ILE C 10 1.68 2.17 14.68
N LYS C 11 0.64 2.27 15.49
CA LYS C 11 0.78 2.17 16.96
C LYS C 11 1.37 0.83 17.38
N THR C 12 0.97 -0.24 16.70
CA THR C 12 1.54 -1.56 16.96
C THR C 12 3.03 -1.56 16.63
N ALA C 13 3.38 -0.96 15.49
CA ALA C 13 4.77 -0.83 15.10
C ALA C 13 5.59 0.05 16.07
N GLU C 14 5.03 1.22 16.44
CA GLU C 14 5.62 2.07 17.47
C GLU C 14 5.99 1.27 18.71
N HIS C 15 5.01 0.53 19.23
CA HIS C 15 5.20 -0.26 20.43
C HIS C 15 6.34 -1.29 20.29
N TRP C 16 6.26 -2.14 19.28
CA TRP C 16 7.24 -3.22 19.13
C TRP C 16 8.63 -2.76 18.69
N ALA C 17 8.70 -1.60 18.03
CA ALA C 17 9.96 -0.95 17.71
C ALA C 17 10.79 -0.66 18.96
N ARG C 18 10.12 -0.31 20.07
CA ARG C 18 10.81 0.01 21.32
C ARG C 18 11.00 -1.19 22.28
N GLN C 19 10.74 -2.43 21.84
CA GLN C 19 10.92 -3.62 22.69
C GLN C 19 12.20 -4.37 22.34
N ASP C 20 12.77 -5.04 23.34
CA ASP C 20 13.85 -6.00 23.14
C ASP C 20 13.14 -7.31 22.85
N ILE C 21 13.23 -7.76 21.60
CA ILE C 21 12.50 -8.92 21.10
C ILE C 21 13.28 -10.23 21.12
N ARG C 22 14.44 -10.24 21.77
CA ARG C 22 15.32 -11.42 21.70
C ARG C 22 14.80 -12.61 22.51
N THR C 23 13.98 -12.33 23.54
CA THR C 23 13.42 -13.36 24.40
C THR C 23 11.94 -13.71 24.13
N ILE C 24 11.29 -13.02 23.18
CA ILE C 24 9.83 -13.26 22.96
C ILE C 24 9.57 -14.61 22.32
N GLU C 25 8.39 -15.17 22.57
CA GLU C 25 8.02 -16.49 22.05
C GLU C 25 7.89 -16.47 20.52
N ASP C 26 8.10 -17.63 19.90
CA ASP C 26 8.03 -17.78 18.45
C ASP C 26 6.71 -17.31 17.83
N SER C 27 5.59 -17.51 18.53
CA SER C 27 4.29 -17.15 18.00
C SER C 27 4.18 -15.64 17.76
N LYS C 28 4.72 -14.86 18.70
CA LYS C 28 4.74 -13.40 18.55
C LYS C 28 5.79 -12.93 17.54
N LEU C 29 6.94 -13.59 17.52
CA LEU C 29 7.96 -13.32 16.50
C LEU C 29 7.44 -13.57 15.08
N ARG C 30 6.68 -14.65 14.91
CA ARG C 30 6.02 -14.96 13.64
C ARG C 30 5.04 -13.86 13.23
N ALA C 31 4.28 -13.36 14.20
CA ALA C 31 3.33 -12.29 13.94
C ALA C 31 4.05 -10.97 13.56
N LEU C 32 5.20 -10.72 14.19
CA LEU C 32 6.01 -9.55 13.87
C LEU C 32 6.56 -9.59 12.44
N LEU C 33 6.88 -10.79 11.95
CA LEU C 33 7.23 -10.95 10.54
C LEU C 33 6.09 -10.47 9.63
N THR C 34 4.87 -10.86 9.97
CA THR C 34 3.67 -10.42 9.24
C THR C 34 3.50 -8.91 9.31
N LEU C 35 3.71 -8.34 10.49
CA LEU C 35 3.66 -6.89 10.66
C LEU C 35 4.64 -6.19 9.71
N CYS C 36 5.88 -6.67 9.65
CA CYS C 36 6.86 -6.14 8.73
C CYS C 36 6.43 -6.27 7.26
N ALA C 37 5.85 -7.41 6.92
CA ALA C 37 5.40 -7.66 5.56
C ALA C 37 4.25 -6.74 5.16
N VAL C 38 3.27 -6.63 6.05
CA VAL C 38 2.12 -5.75 5.81
C VAL C 38 2.60 -4.29 5.69
N MET C 39 3.48 -3.89 6.60
CA MET C 39 3.99 -2.54 6.66
C MET C 39 4.85 -2.20 5.42
N THR C 40 5.66 -3.14 4.98
CA THR C 40 6.42 -3.00 3.74
C THR C 40 5.50 -2.66 2.56
N ARG C 41 4.35 -3.33 2.51
CA ARG C 41 3.36 -3.09 1.44
C ARG C 41 2.63 -1.75 1.51
N LYS C 42 2.80 -0.99 2.59
CA LYS C 42 2.28 0.38 2.68
C LYS C 42 3.26 1.45 2.16
N PHE C 43 4.43 1.01 1.69
CA PHE C 43 5.39 1.86 0.99
C PHE C 43 5.19 1.68 -0.50
N SER C 44 5.30 2.79 -1.25
CA SER C 44 5.37 2.71 -2.71
C SER C 44 6.59 1.88 -3.11
N LYS C 45 6.51 1.25 -4.27
CA LYS C 45 7.59 0.39 -4.77
C LYS C 45 8.92 1.16 -4.87
N SER C 46 8.80 2.44 -5.23
CA SER C 46 9.95 3.36 -5.35
C SER C 46 10.76 3.55 -4.07
N GLN C 47 10.11 3.36 -2.92
CA GLN C 47 10.78 3.56 -1.62
C GLN C 47 11.56 2.35 -1.11
N LEU C 48 11.50 1.22 -1.81
CA LEU C 48 12.15 0.01 -1.33
C LEU C 48 13.68 0.08 -1.33
N SER C 49 14.27 0.78 -2.30
CA SER C 49 15.74 0.97 -2.33
C SER C 49 16.18 1.83 -1.17
N LEU C 50 15.41 2.88 -0.85
CA LEU C 50 15.67 3.74 0.30
C LEU C 50 15.51 2.98 1.62
N LEU C 51 14.53 2.10 1.66
CA LEU C 51 14.33 1.22 2.80
C LEU C 51 15.56 0.30 3.00
N CYS C 52 16.02 -0.29 1.91
CA CYS C 52 17.24 -1.11 1.90
C CYS C 52 18.48 -0.34 2.34
N GLU C 53 18.70 0.83 1.72
CA GLU C 53 19.85 1.67 2.04
C GLU C 53 19.88 2.08 3.53
N THR C 54 18.73 2.48 4.05
CA THR C 54 18.59 2.84 5.47
C THR C 54 18.81 1.63 6.40
N HIS C 55 18.34 0.46 5.98
CA HIS C 55 18.54 -0.79 6.74
C HIS C 55 20.04 -1.07 6.87
N LEU C 56 20.74 -0.99 5.73
CA LEU C 56 22.19 -1.23 5.69
C LEU C 56 22.93 -0.23 6.58
N ARG C 57 22.62 1.05 6.44
CA ARG C 57 23.29 2.11 7.18
C ARG C 57 23.11 1.92 8.69
N ARG C 58 21.87 1.74 9.13
CA ARG C 58 21.59 1.58 10.57
C ARG C 58 22.19 0.31 11.18
N GLU C 59 22.18 -0.80 10.43
CA GLU C 59 22.72 -2.07 10.91
C GLU C 59 24.25 -2.21 10.78
N GLY C 60 24.89 -1.28 10.06
CA GLY C 60 26.32 -1.32 9.85
C GLY C 60 26.75 -2.40 8.87
N LEU C 61 25.92 -2.64 7.86
CA LEU C 61 26.17 -3.70 6.89
C LEU C 61 26.86 -3.11 5.66
N GLY C 62 27.70 -3.91 5.02
CA GLY C 62 28.42 -3.47 3.82
C GLY C 62 27.54 -3.46 2.59
N GLN C 63 28.00 -2.77 1.54
CA GLN C 63 27.25 -2.69 0.28
C GLN C 63 27.01 -4.06 -0.37
N ASP C 64 27.89 -5.02 -0.11
CA ASP C 64 27.70 -6.40 -0.58
C ASP C 64 26.42 -7.09 -0.04
N GLN C 65 25.85 -6.58 1.05
CA GLN C 65 24.58 -7.06 1.59
C GLN C 65 23.32 -6.39 1.00
N ALA C 66 23.49 -5.40 0.11
CA ALA C 66 22.36 -4.69 -0.49
C ALA C 66 21.45 -5.59 -1.33
N GLU C 67 22.05 -6.52 -2.08
CA GLU C 67 21.27 -7.41 -2.96
C GLU C 67 20.28 -8.27 -2.16
N PRO C 68 20.76 -9.03 -1.14
CA PRO C 68 19.81 -9.85 -0.38
C PRO C 68 18.79 -9.05 0.45
N VAL C 69 19.20 -7.90 0.98
CA VAL C 69 18.31 -7.06 1.77
C VAL C 69 17.21 -6.44 0.90
N LEU C 70 17.59 -5.85 -0.22
CA LEU C 70 16.61 -5.33 -1.17
C LEU C 70 15.67 -6.43 -1.67
N GLU C 71 16.22 -7.62 -1.94
CA GLU C 71 15.42 -8.76 -2.39
C GLU C 71 14.34 -9.13 -1.37
N VAL C 72 14.69 -9.13 -0.08
CA VAL C 72 13.72 -9.38 0.98
C VAL C 72 12.59 -8.36 0.90
N TYR C 73 12.93 -7.08 0.80
CA TYR C 73 11.90 -6.03 0.77
C TYR C 73 11.04 -6.11 -0.49
N GLN C 74 11.67 -6.31 -1.64
CA GLN C 74 10.95 -6.46 -2.90
C GLN C 74 9.96 -7.62 -2.89
N ARG C 75 10.43 -8.77 -2.40
CA ARG C 75 9.63 -10.01 -2.42
C ARG C 75 8.55 -10.05 -1.34
N LEU C 76 8.74 -9.31 -0.26
CA LEU C 76 7.66 -9.05 0.70
C LEU C 76 6.61 -8.10 0.13
N HIS C 77 7.06 -7.08 -0.61
CA HIS C 77 6.17 -6.09 -1.22
C HIS C 77 5.21 -6.70 -2.24
N SER C 78 5.70 -7.69 -2.99
CA SER C 78 4.91 -8.39 -4.01
C SER C 78 4.37 -9.76 -3.53
N ASP C 79 4.50 -10.06 -2.25
CA ASP C 79 4.14 -11.38 -1.73
C ASP C 79 2.64 -11.60 -1.83
N LYS C 80 2.26 -12.78 -2.30
CA LYS C 80 0.87 -13.19 -2.42
C LYS C 80 0.67 -14.40 -1.51
N GLY C 81 -0.34 -14.33 -0.65
CA GLY C 81 -0.66 -15.43 0.26
C GLY C 81 0.40 -15.78 1.28
N GLY C 82 1.33 -14.86 1.56
CA GLY C 82 2.39 -15.09 2.54
C GLY C 82 3.41 -16.15 2.21
N SER C 83 3.57 -16.44 0.91
CA SER C 83 4.47 -17.50 0.45
C SER C 83 5.94 -17.22 0.78
N PHE C 84 6.40 -16.04 0.37
CA PHE C 84 7.76 -15.59 0.65
C PHE C 84 8.01 -15.38 2.14
N GLU C 85 7.02 -14.79 2.79
CA GLU C 85 7.05 -14.58 4.24
C GLU C 85 7.26 -15.92 4.98
N ALA C 86 6.53 -16.96 4.56
CA ALA C 86 6.66 -18.30 5.14
C ALA C 86 8.05 -18.89 4.88
N ALA C 87 8.59 -18.63 3.68
CA ALA C 87 9.93 -19.08 3.32
C ALA C 87 10.99 -18.45 4.22
N LEU C 88 10.87 -17.14 4.50
CA LEU C 88 11.79 -16.48 5.44
C LEU C 88 11.76 -17.14 6.80
N TRP C 89 10.55 -17.38 7.31
CA TRP C 89 10.39 -18.01 8.60
C TRP C 89 11.03 -19.42 8.65
N GLN C 90 10.82 -20.21 7.61
CA GLN C 90 11.32 -21.57 7.51
C GLN C 90 12.85 -21.62 7.39
N GLN C 91 13.40 -20.74 6.57
CA GLN C 91 14.79 -20.85 6.07
C GLN C 91 15.83 -19.97 6.76
N TRP C 92 15.41 -18.92 7.46
CA TRP C 92 16.32 -18.10 8.27
C TRP C 92 16.36 -18.57 9.70
N ASP C 93 17.50 -18.39 10.35
CA ASP C 93 17.61 -18.64 11.79
C ASP C 93 16.96 -17.52 12.57
N ARG C 94 16.63 -17.82 13.82
CA ARG C 94 15.91 -16.90 14.70
C ARG C 94 16.64 -15.57 14.90
N GLN C 95 17.97 -15.61 15.03
CA GLN C 95 18.76 -14.40 15.25
C GLN C 95 18.67 -13.45 14.04
N SER C 96 18.72 -13.98 12.83
CA SER C 96 18.56 -13.17 11.61
C SER C 96 17.18 -12.49 11.53
N LEU C 97 16.13 -13.26 11.85
CA LEU C 97 14.76 -12.74 11.81
C LEU C 97 14.59 -11.61 12.82
N ILE C 98 15.06 -11.82 14.04
CA ILE C 98 15.00 -10.82 15.11
C ILE C 98 15.67 -9.50 14.70
N MET C 99 16.86 -9.62 14.14
CA MET C 99 17.63 -8.45 13.77
C MET C 99 17.02 -7.68 12.61
N PHE C 100 16.47 -8.42 11.65
CA PHE C 100 15.83 -7.80 10.47
C PHE C 100 14.54 -7.10 10.89
N ILE C 101 13.73 -7.80 11.69
CA ILE C 101 12.47 -7.27 12.17
C ILE C 101 12.66 -5.98 12.98
N THR C 102 13.58 -6.02 13.95
CA THR C 102 13.82 -4.84 14.79
C THR C 102 14.35 -3.69 13.96
N ALA C 103 15.24 -3.99 13.03
CA ALA C 103 15.79 -2.98 12.13
C ALA C 103 14.67 -2.32 11.31
N PHE C 104 13.80 -3.13 10.73
CA PHE C 104 12.71 -2.60 9.92
C PHE C 104 11.76 -1.72 10.74
N LEU C 105 11.33 -2.21 11.89
CA LEU C 105 10.37 -1.48 12.72
C LEU C 105 10.89 -0.11 13.14
N ASN C 106 12.19 -0.02 13.38
CA ASN C 106 12.82 1.25 13.77
C ASN C 106 13.06 2.22 12.60
N ILE C 107 13.22 1.71 11.38
CA ILE C 107 13.35 2.59 10.20
C ILE C 107 12.00 2.95 9.55
N ALA C 108 11.05 2.02 9.58
CA ALA C 108 9.77 2.18 8.88
C ALA C 108 8.93 3.38 9.31
N LEU C 109 8.98 3.70 10.60
CA LEU C 109 8.24 4.81 11.17
C LEU C 109 8.85 6.18 10.85
N GLN C 110 10.09 6.21 10.36
CA GLN C 110 10.78 7.45 10.02
C GLN C 110 10.90 7.74 8.53
N LEU C 111 10.71 6.73 7.67
CA LEU C 111 10.82 6.93 6.23
C LEU C 111 9.48 7.35 5.64
N PRO C 112 9.50 8.25 4.64
CA PRO C 112 8.28 8.53 3.90
C PRO C 112 7.77 7.31 3.16
N CYS C 113 6.44 7.18 3.06
CA CYS C 113 5.83 6.06 2.35
C CYS C 113 5.62 6.30 0.86
N GLU C 114 5.83 7.53 0.40
CA GLU C 114 5.81 7.91 -1.02
C GLU C 114 7.07 8.72 -1.34
N SER C 115 7.52 8.65 -2.58
CA SER C 115 8.66 9.42 -3.09
C SER C 115 8.31 10.38 -4.22
N SER C 116 7.29 10.08 -5.02
CA SER C 116 6.97 10.85 -6.22
C SER C 116 6.68 12.31 -5.89
N ALA C 117 7.47 13.21 -6.51
CA ALA C 117 7.46 14.63 -6.16
C ALA C 117 6.09 15.29 -6.18
N VAL C 118 5.28 14.95 -7.19
CA VAL C 118 3.93 15.52 -7.31
C VAL C 118 3.04 15.09 -6.13
N VAL C 119 3.20 13.84 -5.69
CA VAL C 119 2.47 13.30 -4.54
C VAL C 119 2.97 13.95 -3.26
N VAL C 120 4.28 13.93 -3.08
CA VAL C 120 4.90 14.45 -1.85
C VAL C 120 4.64 15.96 -1.69
N SER C 121 4.88 16.74 -2.75
CA SER C 121 4.69 18.20 -2.68
C SER C 121 3.26 18.59 -2.38
N GLY C 122 2.30 17.91 -3.01
CA GLY C 122 0.87 18.14 -2.78
C GLY C 122 0.45 17.81 -1.36
N LEU C 123 0.89 16.67 -0.86
CA LEU C 123 0.51 16.23 0.49
C LEU C 123 1.12 17.11 1.58
N ARG C 124 2.28 17.69 1.33
CA ARG C 124 2.90 18.61 2.29
C ARG C 124 2.10 19.88 2.51
N THR C 125 1.37 20.34 1.50
CA THR C 125 0.52 21.53 1.64
C THR C 125 -0.66 21.28 2.60
N LEU C 126 -1.01 20.00 2.78
CA LEU C 126 -2.12 19.57 3.64
C LEU C 126 -1.73 19.29 5.08
N VAL C 127 -0.44 19.11 5.37
CA VAL C 127 -0.01 18.70 6.73
C VAL C 127 -0.27 19.86 7.71
N PRO C 128 -1.07 19.61 8.77
CA PRO C 128 -1.32 20.66 9.75
C PRO C 128 -0.10 20.90 10.64
N GLN C 129 0.09 22.16 11.06
CA GLN C 129 1.22 22.61 11.89
C GLN C 129 2.58 22.33 11.24
N GLY D 1 9.90 20.63 3.73
CA GLY D 1 8.63 20.42 4.50
C GLY D 1 8.66 19.20 5.41
N PRO D 2 7.48 18.80 5.95
CA PRO D 2 7.38 17.57 6.76
C PRO D 2 7.49 16.29 5.92
N LYS D 3 8.01 15.22 6.53
CA LYS D 3 8.15 13.92 5.85
C LYS D 3 6.79 13.22 5.79
N ILE D 4 6.42 12.72 4.62
CA ILE D 4 5.13 12.04 4.46
C ILE D 4 5.24 10.57 4.88
N THR D 5 5.35 10.37 6.18
CA THR D 5 5.32 9.05 6.78
C THR D 5 3.88 8.55 6.81
N LEU D 6 3.71 7.28 7.18
CA LEU D 6 2.38 6.70 7.34
C LEU D 6 1.59 7.44 8.40
N LEU D 7 2.26 7.78 9.51
CA LEU D 7 1.64 8.52 10.60
C LEU D 7 1.21 9.92 10.17
N THR D 8 2.09 10.64 9.48
CA THR D 8 1.77 11.97 8.97
C THR D 8 0.59 11.94 8.00
N LEU D 9 0.57 10.91 7.17
CA LEU D 9 -0.53 10.69 6.25
C LEU D 9 -1.86 10.53 6.98
N ILE D 10 -1.86 9.75 8.06
CA ILE D 10 -3.06 9.54 8.89
C ILE D 10 -3.47 10.79 9.64
N LYS D 11 -2.52 11.48 10.26
CA LYS D 11 -2.80 12.74 10.97
C LYS D 11 -3.36 13.80 10.00
N THR D 12 -2.82 13.84 8.78
CA THR D 12 -3.33 14.75 7.77
C THR D 12 -4.78 14.39 7.42
N ALA D 13 -5.05 13.09 7.28
CA ALA D 13 -6.42 12.61 7.04
C ALA D 13 -7.35 12.91 8.20
N GLU D 14 -6.92 12.63 9.44
CA GLU D 14 -7.68 13.01 10.65
C GLU D 14 -8.11 14.47 10.58
N HIS D 15 -7.14 15.34 10.34
CA HIS D 15 -7.38 16.78 10.28
C HIS D 15 -8.43 17.16 9.22
N TRP D 16 -8.21 16.76 7.98
CA TRP D 16 -9.10 17.16 6.88
C TRP D 16 -10.47 16.47 6.90
N ALA D 17 -10.54 15.29 7.52
CA ALA D 17 -11.81 14.62 7.80
C ALA D 17 -12.77 15.47 8.61
N ARG D 18 -12.23 16.26 9.55
CA ARG D 18 -13.05 17.13 10.40
C ARG D 18 -13.25 18.56 9.87
N GLN D 19 -12.88 18.85 8.62
CA GLN D 19 -13.07 20.20 8.02
C GLN D 19 -14.25 20.24 7.08
N ASP D 20 -14.84 21.43 6.98
CA ASP D 20 -15.80 21.74 5.94
C ASP D 20 -14.96 22.21 4.76
N ILE D 21 -14.90 21.38 3.71
CA ILE D 21 -14.01 21.65 2.57
C ILE D 21 -14.75 22.27 1.39
N ARG D 22 -15.97 22.75 1.59
CA ARG D 22 -16.74 23.34 0.51
C ARG D 22 -16.22 24.71 0.08
N THR D 23 -15.52 25.40 0.98
CA THR D 23 -14.97 26.71 0.71
C THR D 23 -13.47 26.76 0.41
N ILE D 24 -12.78 25.61 0.45
CA ILE D 24 -11.31 25.61 0.27
C ILE D 24 -10.94 25.92 -1.18
N GLU D 25 -9.73 26.45 -1.38
CA GLU D 25 -9.26 26.77 -2.73
C GLU D 25 -9.00 25.47 -3.53
N ASP D 26 -9.08 25.58 -4.86
CA ASP D 26 -8.88 24.45 -5.75
C ASP D 26 -7.54 23.72 -5.55
N SER D 27 -6.49 24.47 -5.23
CA SER D 27 -5.17 23.88 -5.08
C SER D 27 -5.13 22.87 -3.94
N LYS D 28 -5.80 23.20 -2.83
CA LYS D 28 -5.91 22.30 -1.68
C LYS D 28 -6.89 21.15 -1.95
N LEU D 29 -7.98 21.44 -2.63
CA LEU D 29 -8.92 20.39 -3.06
C LEU D 29 -8.26 19.36 -3.97
N ARG D 30 -7.42 19.83 -4.89
CA ARG D 30 -6.63 18.97 -5.76
C ARG D 30 -5.68 18.07 -4.94
N ALA D 31 -5.06 18.65 -3.92
CA ALA D 31 -4.15 17.88 -3.07
C ALA D 31 -4.91 16.83 -2.25
N LEU D 32 -6.13 17.17 -1.81
CA LEU D 32 -6.97 16.22 -1.09
C LEU D 32 -7.39 15.02 -1.95
N LEU D 33 -7.58 15.24 -3.25
CA LEU D 33 -7.79 14.13 -4.17
C LEU D 33 -6.59 13.16 -4.14
N THR D 34 -5.38 13.71 -4.15
CA THR D 34 -4.16 12.91 -4.05
C THR D 34 -4.08 12.17 -2.72
N LEU D 35 -4.44 12.85 -1.64
CA LEU D 35 -4.50 12.22 -0.33
C LEU D 35 -5.42 11.00 -0.35
N CYS D 36 -6.62 11.15 -0.90
CA CYS D 36 -7.53 10.03 -1.04
C CYS D 36 -6.95 8.89 -1.88
N ALA D 37 -6.29 9.24 -2.98
CA ALA D 37 -5.67 8.25 -3.86
C ALA D 37 -4.54 7.49 -3.17
N VAL D 38 -3.67 8.23 -2.50
CA VAL D 38 -2.56 7.62 -1.77
C VAL D 38 -3.10 6.72 -0.65
N MET D 39 -4.09 7.22 0.07
CA MET D 39 -4.69 6.50 1.19
C MET D 39 -5.43 5.24 0.74
N THR D 40 -6.14 5.33 -0.39
CA THR D 40 -6.76 4.16 -1.01
C THR D 40 -5.73 3.05 -1.25
N ARG D 41 -4.55 3.42 -1.72
CA ARG D 41 -3.47 2.46 -1.98
C ARG D 41 -2.81 1.85 -0.74
N LYS D 42 -3.15 2.33 0.46
CA LYS D 42 -2.72 1.71 1.71
C LYS D 42 -3.70 0.64 2.22
N PHE D 43 -4.79 0.41 1.48
CA PHE D 43 -5.70 -0.70 1.73
C PHE D 43 -5.32 -1.85 0.81
N SER D 44 -5.42 -3.07 1.34
CA SER D 44 -5.34 -4.26 0.49
C SER D 44 -6.46 -4.22 -0.55
N LYS D 45 -6.22 -4.86 -1.68
CA LYS D 45 -7.17 -4.91 -2.79
C LYS D 45 -8.53 -5.46 -2.33
N SER D 46 -8.47 -6.44 -1.42
CA SER D 46 -9.66 -7.09 -0.85
C SER D 46 -10.61 -6.15 -0.11
N GLN D 47 -10.08 -5.04 0.40
CA GLN D 47 -10.89 -4.09 1.17
C GLN D 47 -11.65 -3.06 0.31
N LEU D 48 -11.44 -3.05 -0.99
CA LEU D 48 -12.08 -2.04 -1.86
C LEU D 48 -13.59 -2.13 -1.95
N SER D 49 -14.13 -3.35 -1.95
CA SER D 49 -15.59 -3.57 -1.95
C SER D 49 -16.20 -3.04 -0.64
N LEU D 50 -15.52 -3.29 0.49
CA LEU D 50 -15.95 -2.79 1.78
C LEU D 50 -15.88 -1.27 1.86
N LEU D 51 -14.85 -0.71 1.24
CA LEU D 51 -14.70 0.73 1.11
C LEU D 51 -15.90 1.32 0.33
N CYS D 52 -16.21 0.69 -0.81
CA CYS D 52 -17.37 1.08 -1.63
C CYS D 52 -18.69 0.97 -0.86
N GLU D 53 -18.93 -0.18 -0.23
CA GLU D 53 -20.15 -0.43 0.53
C GLU D 53 -20.34 0.61 1.66
N THR D 54 -19.28 0.88 2.39
CA THR D 54 -19.30 1.89 3.46
C THR D 54 -19.54 3.32 2.92
N HIS D 55 -18.96 3.63 1.77
CA HIS D 55 -19.16 4.92 1.11
C HIS D 55 -20.65 5.11 0.78
N LEU D 56 -21.24 4.07 0.18
CA LEU D 56 -22.66 4.10 -0.18
C LEU D 56 -23.55 4.26 1.05
N ARG D 57 -23.29 3.46 2.08
CA ARG D 57 -24.07 3.48 3.31
C ARG D 57 -24.03 4.85 3.97
N ARG D 58 -22.84 5.40 4.17
CA ARG D 58 -22.68 6.71 4.82
C ARG D 58 -23.28 7.86 4.02
N GLU D 59 -23.15 7.83 2.70
CA GLU D 59 -23.69 8.90 1.85
C GLU D 59 -25.17 8.78 1.54
N GLY D 60 -25.79 7.64 1.87
CA GLY D 60 -27.19 7.39 1.59
C GLY D 60 -27.46 7.16 0.11
N LEU D 61 -26.52 6.50 -0.57
CA LEU D 61 -26.62 6.23 -2.00
C LEU D 61 -27.21 4.85 -2.22
N GLY D 62 -27.96 4.69 -3.31
CA GLY D 62 -28.55 3.41 -3.67
C GLY D 62 -27.53 2.44 -4.23
N GLN D 63 -27.91 1.17 -4.28
CA GLN D 63 -27.04 0.11 -4.84
C GLN D 63 -26.69 0.34 -6.30
N ASP D 64 -27.54 1.05 -7.04
CA ASP D 64 -27.24 1.42 -8.43
C ASP D 64 -25.99 2.31 -8.59
N GLN D 65 -25.56 2.98 -7.51
CA GLN D 65 -24.32 3.76 -7.52
C GLN D 65 -23.06 2.96 -7.14
N ALA D 66 -23.18 1.68 -6.82
CA ALA D 66 -22.04 0.84 -6.43
C ALA D 66 -21.04 0.65 -7.57
N GLU D 67 -21.51 0.51 -8.81
CA GLU D 67 -20.62 0.30 -9.96
C GLU D 67 -19.63 1.47 -10.13
N PRO D 68 -20.14 2.72 -10.26
CA PRO D 68 -19.20 3.84 -10.43
C PRO D 68 -18.30 4.11 -9.22
N VAL D 69 -18.84 3.92 -8.01
CA VAL D 69 -18.08 4.16 -6.79
C VAL D 69 -16.95 3.14 -6.62
N LEU D 70 -17.27 1.86 -6.78
CA LEU D 70 -16.23 0.81 -6.73
C LEU D 70 -15.18 1.02 -7.82
N GLU D 71 -15.64 1.42 -9.02
CA GLU D 71 -14.72 1.68 -10.14
C GLU D 71 -13.71 2.79 -9.79
N VAL D 72 -14.19 3.86 -9.15
CA VAL D 72 -13.31 4.93 -8.69
C VAL D 72 -12.25 4.38 -7.74
N TYR D 73 -12.67 3.58 -6.76
CA TYR D 73 -11.72 3.05 -5.78
C TYR D 73 -10.73 2.07 -6.41
N GLN D 74 -11.22 1.18 -7.26
CA GLN D 74 -10.35 0.24 -7.97
C GLN D 74 -9.30 0.94 -8.83
N ARG D 75 -9.73 1.95 -9.59
CA ARG D 75 -8.86 2.63 -10.54
C ARG D 75 -7.90 3.63 -9.88
N LEU D 76 -8.26 4.13 -8.71
CA LEU D 76 -7.31 4.84 -7.84
C LEU D 76 -6.28 3.91 -7.22
N HIS D 77 -6.71 2.73 -6.83
CA HIS D 77 -5.83 1.72 -6.20
C HIS D 77 -4.72 1.24 -7.17
N SER D 78 -5.05 1.13 -8.44
CA SER D 78 -4.11 0.70 -9.49
C SER D 78 -3.52 1.88 -10.31
N ASP D 79 -3.79 3.11 -9.90
CA ASP D 79 -3.41 4.27 -10.68
C ASP D 79 -1.89 4.42 -10.70
N LYS D 80 -1.34 4.69 -11.88
CA LYS D 80 0.08 4.90 -12.07
C LYS D 80 0.24 6.33 -12.59
N GLY D 81 1.13 7.09 -11.94
CA GLY D 81 1.41 8.46 -12.36
C GLY D 81 0.25 9.44 -12.25
N GLY D 82 -0.76 9.11 -11.45
CA GLY D 82 -1.92 9.97 -11.26
C GLY D 82 -2.81 10.20 -12.48
N SER D 83 -2.78 9.27 -13.43
CA SER D 83 -3.53 9.40 -14.67
C SER D 83 -5.05 9.42 -14.45
N PHE D 84 -5.55 8.41 -13.75
CA PHE D 84 -6.97 8.31 -13.41
C PHE D 84 -7.41 9.45 -12.48
N GLU D 85 -6.56 9.74 -11.50
CA GLU D 85 -6.78 10.84 -10.57
C GLU D 85 -6.96 12.16 -11.32
N ALA D 86 -6.12 12.42 -12.31
CA ALA D 86 -6.21 13.61 -13.16
C ALA D 86 -7.50 13.65 -13.96
N ALA D 87 -7.92 12.48 -14.44
CA ALA D 87 -9.18 12.35 -15.18
C ALA D 87 -10.38 12.72 -14.29
N LEU D 88 -10.37 12.25 -13.03
CA LEU D 88 -11.43 12.63 -12.09
C LEU D 88 -11.50 14.13 -11.89
N TRP D 89 -10.34 14.74 -11.69
CA TRP D 89 -10.26 16.19 -11.50
C TRP D 89 -10.80 16.96 -12.72
N GLN D 90 -10.43 16.51 -13.92
CA GLN D 90 -10.84 17.16 -15.17
C GLN D 90 -12.33 17.00 -15.45
N GLN D 91 -12.86 15.81 -15.21
CA GLN D 91 -14.18 15.39 -15.70
C GLN D 91 -15.34 15.47 -14.71
N TRP D 92 -15.06 15.52 -13.41
CA TRP D 92 -16.10 15.69 -12.39
C TRP D 92 -16.24 17.16 -12.01
N ASP D 93 -17.46 17.55 -11.63
CA ASP D 93 -17.70 18.89 -11.08
C ASP D 93 -17.19 18.96 -9.64
N ARG D 94 -16.97 20.19 -9.19
CA ARG D 94 -16.40 20.46 -7.86
C ARG D 94 -17.24 19.85 -6.72
N GLN D 95 -18.56 19.90 -6.83
CA GLN D 95 -19.45 19.38 -5.80
C GLN D 95 -19.30 17.85 -5.65
N SER D 96 -19.19 17.14 -6.76
CA SER D 96 -18.93 15.70 -6.71
C SER D 96 -17.60 15.33 -6.04
N LEU D 97 -16.56 16.05 -6.39
CA LEU D 97 -15.23 15.82 -5.82
C LEU D 97 -15.23 16.06 -4.31
N ILE D 98 -15.82 17.16 -3.89
CA ILE D 98 -15.95 17.51 -2.46
C ILE D 98 -16.67 16.41 -1.67
N MET D 99 -17.77 15.93 -2.21
CA MET D 99 -18.58 14.94 -1.52
C MET D 99 -17.88 13.59 -1.43
N PHE D 100 -17.16 13.23 -2.51
CA PHE D 100 -16.42 11.97 -2.53
C PHE D 100 -15.25 12.00 -1.56
N ILE D 101 -14.50 13.09 -1.63
CA ILE D 101 -13.34 13.28 -0.76
C ILE D 101 -13.72 13.26 0.72
N THR D 102 -14.74 14.02 1.09
CA THR D 102 -15.16 14.10 2.49
C THR D 102 -15.65 12.72 2.97
N ALA D 103 -16.42 12.04 2.11
CA ALA D 103 -16.90 10.72 2.41
C ALA D 103 -15.76 9.75 2.66
N PHE D 104 -14.77 9.75 1.77
CA PHE D 104 -13.64 8.85 1.91
C PHE D 104 -12.85 9.12 3.20
N LEU D 105 -12.52 10.37 3.45
CA LEU D 105 -11.71 10.72 4.62
C LEU D 105 -12.35 10.31 5.93
N ASN D 106 -13.69 10.39 5.99
CA ASN D 106 -14.44 9.99 7.18
C ASN D 106 -14.60 8.48 7.36
N ILE D 107 -14.59 7.72 6.26
CA ILE D 107 -14.65 6.25 6.36
C ILE D 107 -13.27 5.58 6.48
N ALA D 108 -12.26 6.16 5.81
CA ALA D 108 -10.93 5.54 5.69
C ALA D 108 -10.21 5.29 7.01
N LEU D 109 -10.41 6.20 7.96
CA LEU D 109 -9.78 6.10 9.27
C LEU D 109 -10.43 5.06 10.20
N GLN D 110 -11.61 4.57 9.82
CA GLN D 110 -12.35 3.60 10.63
C GLN D 110 -12.34 2.17 10.05
N LEU D 111 -11.99 2.01 8.77
CA LEU D 111 -11.95 0.69 8.14
C LEU D 111 -10.60 0.03 8.33
N PRO D 112 -10.58 -1.28 8.55
CA PRO D 112 -9.30 -2.00 8.54
C PRO D 112 -8.62 -1.93 7.19
N CYS D 113 -7.29 -1.88 7.20
CA CYS D 113 -6.51 -1.83 5.95
C CYS D 113 -6.17 -3.23 5.39
N GLU D 114 -6.42 -4.28 6.16
CA GLU D 114 -6.27 -5.67 5.73
C GLU D 114 -7.54 -6.45 6.08
N SER D 115 -7.85 -7.47 5.31
CA SER D 115 -8.97 -8.39 5.59
C SER D 115 -8.56 -9.84 5.83
N SER D 116 -7.46 -10.28 5.24
CA SER D 116 -7.07 -11.70 5.27
C SER D 116 -6.90 -12.21 6.70
N ALA D 117 -7.65 -13.25 7.04
CA ALA D 117 -7.77 -13.72 8.43
C ALA D 117 -6.43 -14.05 9.09
N VAL D 118 -5.52 -14.68 8.35
CA VAL D 118 -4.20 -15.02 8.89
C VAL D 118 -3.39 -13.75 9.24
N VAL D 119 -3.53 -12.71 8.42
CA VAL D 119 -2.88 -11.42 8.64
C VAL D 119 -3.52 -10.72 9.83
N VAL D 120 -4.85 -10.63 9.79
CA VAL D 120 -5.60 -9.91 10.82
C VAL D 120 -5.44 -10.58 12.20
N SER D 121 -5.61 -11.91 12.26
CA SER D 121 -5.50 -12.63 13.54
C SER D 121 -4.11 -12.52 14.16
N GLY D 122 -3.07 -12.62 13.34
CA GLY D 122 -1.69 -12.47 13.79
C GLY D 122 -1.39 -11.07 14.32
N LEU D 123 -1.82 -10.05 13.58
CA LEU D 123 -1.56 -8.67 13.98
C LEU D 123 -2.31 -8.27 15.24
N ARG D 124 -3.47 -8.86 15.49
CA ARG D 124 -4.23 -8.60 16.71
C ARG D 124 -3.52 -9.04 17.99
N THR D 125 -2.72 -10.10 17.89
CA THR D 125 -1.94 -10.56 19.04
C THR D 125 -0.86 -9.55 19.46
N LEU D 126 -0.46 -8.70 18.51
CA LEU D 126 0.56 -7.66 18.73
C LEU D 126 0.04 -6.33 19.22
N VAL D 127 -1.25 -6.06 19.08
CA VAL D 127 -1.82 -4.74 19.43
C VAL D 127 -1.74 -4.56 20.96
N PRO D 128 -1.06 -3.49 21.42
CA PRO D 128 -0.98 -3.25 22.87
C PRO D 128 -2.32 -2.74 23.41
N GLN D 129 -2.62 -3.08 24.66
CA GLN D 129 -3.90 -2.73 25.30
C GLN D 129 -4.10 -1.21 25.44
N PRO E 1 12.78 22.86 -37.09
CA PRO E 1 11.74 22.00 -36.47
C PRO E 1 12.30 21.10 -35.35
N THR E 2 12.17 21.54 -34.11
CA THR E 2 12.64 20.75 -32.95
C THR E 2 11.56 19.78 -32.51
N VAL E 3 11.95 18.52 -32.28
CA VAL E 3 11.02 17.46 -31.91
C VAL E 3 11.46 16.94 -30.55
N ALA E 4 10.57 17.10 -29.57
CA ALA E 4 10.83 16.64 -28.23
C ALA E 4 10.67 15.12 -28.16
N PRO E 5 11.40 14.47 -27.24
CA PRO E 5 11.16 13.05 -27.03
C PRO E 5 9.79 12.83 -26.35
N PRO E 6 9.31 11.59 -26.35
CA PRO E 6 8.07 11.31 -25.62
C PRO E 6 8.25 11.54 -24.11
N ALA E 7 7.17 11.94 -23.45
CA ALA E 7 7.20 12.13 -22.01
C ALA E 7 7.32 10.77 -21.31
N PRO E 8 7.92 10.75 -20.10
CA PRO E 8 8.06 9.49 -19.38
C PRO E 8 6.71 8.83 -19.11
N VAL E 9 6.66 7.50 -19.31
CA VAL E 9 5.47 6.70 -19.03
C VAL E 9 5.60 6.08 -17.63
N TYR E 10 4.61 6.36 -16.79
CA TYR E 10 4.52 5.79 -15.44
C TYR E 10 3.78 4.43 -15.48
N ARG E 11 4.32 3.43 -14.78
CA ARG E 11 3.70 2.10 -14.66
C ARG E 11 4.45 1.26 -13.68
N PRO F 1 -7.78 -41.40 1.07
CA PRO F 1 -9.01 -41.88 0.44
C PRO F 1 -9.33 -41.17 -0.89
N THR F 2 -10.06 -40.04 -0.89
CA THR F 2 -10.54 -39.41 -2.10
C THR F 2 -9.50 -38.49 -2.74
N VAL F 3 -9.97 -37.63 -3.64
CA VAL F 3 -9.15 -36.58 -4.25
C VAL F 3 -9.72 -35.23 -3.84
N ALA F 4 -8.92 -34.47 -3.09
CA ALA F 4 -9.31 -33.16 -2.63
C ALA F 4 -9.20 -32.17 -3.79
N PRO F 5 -10.02 -31.11 -3.76
CA PRO F 5 -9.84 -30.04 -4.73
C PRO F 5 -8.53 -29.28 -4.49
N PRO F 6 -8.07 -28.50 -5.47
CA PRO F 6 -6.86 -27.71 -5.25
C PRO F 6 -7.08 -26.66 -4.16
N ALA F 7 -6.02 -26.35 -3.44
CA ALA F 7 -6.08 -25.30 -2.42
C ALA F 7 -6.23 -23.95 -3.10
N PRO F 8 -6.86 -22.98 -2.42
CA PRO F 8 -7.03 -21.65 -3.02
C PRO F 8 -5.70 -21.01 -3.39
N VAL F 9 -5.64 -20.40 -4.58
CA VAL F 9 -4.45 -19.68 -5.05
C VAL F 9 -4.63 -18.20 -4.76
N TYR F 10 -3.68 -17.63 -4.01
CA TYR F 10 -3.65 -16.19 -3.71
C TYR F 10 -2.90 -15.42 -4.80
N ARG F 11 -3.47 -14.30 -5.25
CA ARG F 11 -2.95 -13.54 -6.42
C ARG F 11 -3.76 -12.28 -6.60
N PRO G 1 -6.24 8.29 -23.54
CA PRO G 1 -7.43 9.10 -23.22
C PRO G 1 -8.35 8.42 -22.18
N THR G 2 -8.19 8.80 -20.92
CA THR G 2 -8.89 8.12 -19.81
C THR G 2 -10.26 8.75 -19.60
N VAL G 3 -11.28 7.90 -19.43
CA VAL G 3 -12.65 8.36 -19.17
C VAL G 3 -13.07 7.86 -17.80
N ALA G 4 -13.32 8.80 -16.90
CA ALA G 4 -13.74 8.48 -15.54
C ALA G 4 -15.20 8.06 -15.55
N PRO G 5 -15.59 7.18 -14.60
CA PRO G 5 -17.00 6.87 -14.48
C PRO G 5 -17.80 8.07 -13.97
N PRO G 6 -19.14 8.03 -14.13
CA PRO G 6 -19.93 9.14 -13.64
C PRO G 6 -19.85 9.23 -12.12
N ALA G 7 -19.98 10.45 -11.60
CA ALA G 7 -19.97 10.64 -10.16
C ALA G 7 -21.28 10.10 -9.59
N PRO G 8 -21.27 9.67 -8.31
CA PRO G 8 -22.51 9.21 -7.67
C PRO G 8 -23.60 10.29 -7.70
N VAL G 9 -24.82 9.86 -8.00
CA VAL G 9 -26.01 10.72 -8.03
C VAL G 9 -26.74 10.62 -6.68
N TYR G 10 -26.91 11.79 -6.05
CA TYR G 10 -27.67 11.90 -4.79
C TYR G 10 -29.16 12.12 -5.09
N ARG G 11 -30.03 11.38 -4.38
CA ARG G 11 -31.49 11.34 -4.67
C ARG G 11 -32.38 11.50 -3.43
N PRO H 1 8.41 -24.30 -5.30
CA PRO H 1 9.54 -24.32 -4.37
C PRO H 1 10.20 -22.94 -4.18
N THR H 2 9.81 -22.24 -3.13
CA THR H 2 10.30 -20.86 -2.89
C THR H 2 11.63 -20.88 -2.13
N VAL H 3 12.59 -20.10 -2.61
CA VAL H 3 13.92 -20.05 -1.99
C VAL H 3 14.16 -18.61 -1.56
N ALA H 4 14.31 -18.42 -0.26
CA ALA H 4 14.60 -17.10 0.29
C ALA H 4 16.06 -16.75 0.05
N PRO H 5 16.37 -15.45 -0.06
CA PRO H 5 17.77 -15.06 -0.13
C PRO H 5 18.48 -15.31 1.20
N PRO H 6 19.83 -15.30 1.18
CA PRO H 6 20.54 -15.47 2.45
C PRO H 6 20.30 -14.30 3.38
N ALA H 7 20.32 -14.57 4.68
CA ALA H 7 20.18 -13.52 5.67
C ALA H 7 21.42 -12.64 5.66
N PRO H 8 21.29 -11.36 6.05
CA PRO H 8 22.48 -10.49 6.15
C PRO H 8 23.54 -11.06 7.09
N VAL H 9 24.80 -10.99 6.67
CA VAL H 9 25.93 -11.42 7.50
C VAL H 9 26.54 -10.23 8.22
N TYR H 10 26.57 -10.29 9.54
CA TYR H 10 27.20 -9.25 10.39
C TYR H 10 28.68 -9.63 10.59
N ARG H 11 29.59 -8.65 10.44
CA ARG H 11 31.04 -8.85 10.61
C ARG H 11 31.74 -7.82 11.53
#